data_3MFI
#
_entry.id   3MFI
#
_cell.length_a   88.087
_cell.length_b   226.962
_cell.length_c   85.919
_cell.angle_alpha   90.00
_cell.angle_beta   90.00
_cell.angle_gamma   90.00
#
_symmetry.space_group_name_H-M   'C 2 2 21'
#
loop_
_entity.id
_entity.type
_entity.pdbx_description
1 polymer 'DNA polymerase eta'
2 polymer "5'-D(*GP*TP*CP*CP*TP*CP*CP*CP*CP*TP*(DOC))-3'"
3 polymer "5'-D(*TP*AP*AP*(TTD)P*GP*AP*GP*GP*GP*GP*AP*GP*GP*AP*C)-3'"
4 non-polymer "2'-DEOXYADENOSINE 5'-TRIPHOSPHATE"
5 non-polymer 'MAGNESIUM ION'
6 non-polymer 'SULFATE ION'
7 water water
#
loop_
_entity_poly.entity_id
_entity_poly.type
_entity_poly.pdbx_seq_one_letter_code
_entity_poly.pdbx_strand_id
1 'polypeptide(L)'
;GPGGDPHMSKFTWKELIQLGSPSKAYESSLACIAHIDMNAFFAQVEQMRCGLSKEDPVVCVQWNSIIAVSYAARKYGISR
MDTIQEALKKCSNLIPIHTAVFKKGEDFWQYHDGCGSWVQDPAKQISVEDHKVSLEPYRRESRKALAIFKWACDLVERAS
IDEVFLDLGRICFNMLMFDNEYELTGDLKLKDALSNIREAFIGGNYDINSHLPLIPEKIKSLKFEGDVFNPEGRDLITDW
DDVILALGSQVCKGIRDSIKDILGYTTSCGLSSTKNVCKLASNYKKPDAQTIVKNDCLLDFLDCGKFEITSFWTLGGVLG
KELIDVLDLPHENSIKHIRETWPDNAGQLKEFLDAKVKQSDYDRSTSNIDPLKTADLAEKLFKLSRGRYGLPLSSRPVVK
SMMSNKNLRGKSCNSIVDCISWLEVFCAELTSRIQDLEQEYNKIVIPRTVSISLKTKSYEVYRKSGPVAYKGINFQSHEL
LKVGIKFVTDLDIKGKNKSYYPLTKLSMTITNFDIIDLQK
;
A
2 'polydeoxyribonucleotide' (DG)(DT)(DC)(DC)(DT)(DC)(DC)(DC)(DC)(DT)(DOC) P
3 'polydeoxyribonucleotide' (DT)(DA)(DA)(TTD)(DG)(DA)(DG)(DG)(DG)(DG)(DA)(DG)(DG)(DA)(DC) T
#
loop_
_chem_comp.id
_chem_comp.type
_chem_comp.name
_chem_comp.formula
DA DNA linking 2'-DEOXYADENOSINE-5'-MONOPHOSPHATE 'C10 H14 N5 O6 P'
DC DNA linking 2'-DEOXYCYTIDINE-5'-MONOPHOSPHATE 'C9 H14 N3 O7 P'
DG DNA linking 2'-DEOXYGUANOSINE-5'-MONOPHOSPHATE 'C10 H14 N5 O7 P'
DOC DNA linking 2',3'-DIDEOXYCYTIDINE-5'-MONOPHOSPHATE 'C9 H14 N3 O6 P'
DT DNA linking THYMIDINE-5'-MONOPHOSPHATE 'C10 H15 N2 O8 P'
DTP non-polymer '2'-DEOXYADENOSINE 5'-TRIPHOSPHATE' 'C10 H16 N5 O12 P3'
MG non-polymer 'MAGNESIUM ION' 'Mg 2'
SO4 non-polymer 'SULFATE ION' 'O4 S -2'
TTD DNA linking 'CIS-SYN CYCLOBUTANE THYMINE DIMER' 'C20 H28 N4 O15 P2'
#
# COMPACT_ATOMS: atom_id res chain seq x y z
N ASP A 5 -24.70 18.76 -22.44
CA ASP A 5 -24.40 19.76 -23.53
C ASP A 5 -22.98 19.52 -24.08
N PRO A 6 -22.88 19.11 -25.37
CA PRO A 6 -21.56 18.90 -25.99
C PRO A 6 -20.83 20.21 -26.32
N HIS A 7 -21.49 21.34 -26.08
CA HIS A 7 -20.84 22.63 -26.26
C HIS A 7 -20.05 23.03 -25.01
N MET A 8 -20.10 22.20 -23.95
CA MET A 8 -19.42 22.49 -22.71
CA MET A 8 -19.42 22.48 -22.70
C MET A 8 -18.64 21.27 -22.20
N SER A 9 -17.79 21.48 -21.22
CA SER A 9 -17.06 20.43 -20.55
C SER A 9 -18.05 19.44 -19.93
N LYS A 10 -17.58 18.23 -19.74
CA LYS A 10 -18.32 17.23 -18.97
C LYS A 10 -18.39 17.56 -17.47
N PHE A 11 -17.53 18.47 -16.99
CA PHE A 11 -17.33 18.73 -15.58
C PHE A 11 -17.86 20.09 -15.18
N THR A 12 -18.14 20.21 -13.90
CA THR A 12 -18.68 21.43 -13.32
C THR A 12 -17.70 22.20 -12.46
N TRP A 13 -18.03 23.47 -12.22
CA TRP A 13 -17.30 24.26 -11.25
C TRP A 13 -17.26 23.54 -9.90
N LYS A 14 -18.37 22.95 -9.46
CA LYS A 14 -18.37 22.24 -8.18
C LYS A 14 -17.24 21.20 -8.11
N GLU A 15 -17.12 20.37 -9.16
CA GLU A 15 -16.12 19.32 -9.22
C GLU A 15 -14.69 19.87 -9.18
N LEU A 16 -14.47 21.01 -9.82
CA LEU A 16 -13.16 21.63 -9.83
C LEU A 16 -12.82 22.23 -8.46
N ILE A 17 -13.76 23.00 -7.90
CA ILE A 17 -13.54 23.67 -6.62
C ILE A 17 -13.32 22.63 -5.51
N GLN A 18 -14.01 21.49 -5.63
CA GLN A 18 -13.87 20.37 -4.69
CA GLN A 18 -13.90 20.40 -4.67
C GLN A 18 -12.44 19.87 -4.54
N LEU A 19 -11.61 20.05 -5.57
CA LEU A 19 -10.22 19.61 -5.49
C LEU A 19 -9.50 20.33 -4.35
N GLY A 20 -9.95 21.52 -4.00
CA GLY A 20 -9.34 22.25 -2.91
C GLY A 20 -9.76 21.84 -1.51
N SER A 21 -10.63 20.83 -1.41
CA SER A 21 -11.11 20.32 -0.13
C SER A 21 -10.52 18.95 0.15
N PRO A 22 -9.66 18.83 1.19
CA PRO A 22 -9.14 17.48 1.49
C PRO A 22 -10.24 16.47 1.80
N SER A 23 -11.34 16.89 2.42
CA SER A 23 -12.37 15.94 2.79
C SER A 23 -13.16 15.43 1.57
N LYS A 24 -13.29 16.23 0.53
CA LYS A 24 -14.15 15.92 -0.61
C LYS A 24 -13.45 15.71 -1.98
N ALA A 25 -12.17 16.04 -2.09
CA ALA A 25 -11.51 16.02 -3.40
C ALA A 25 -11.59 14.63 -4.06
N TYR A 26 -11.54 13.57 -3.27
CA TYR A 26 -11.55 12.20 -3.82
C TYR A 26 -12.85 11.88 -4.56
N GLU A 27 -13.94 12.57 -4.22
CA GLU A 27 -15.28 12.30 -4.77
C GLU A 27 -15.44 12.85 -6.17
N SER A 28 -14.61 13.82 -6.50
CA SER A 28 -14.66 14.46 -7.79
C SER A 28 -14.16 13.55 -8.93
N SER A 29 -14.88 13.56 -10.06
CA SER A 29 -14.39 12.97 -11.29
C SER A 29 -13.07 13.59 -11.80
N LEU A 30 -12.77 14.81 -11.34
CA LEU A 30 -11.53 15.48 -11.62
C LEU A 30 -10.40 15.13 -10.64
N ALA A 31 -10.66 14.25 -9.66
CA ALA A 31 -9.62 13.85 -8.69
C ALA A 31 -8.32 13.45 -9.34
N CYS A 32 -7.22 13.81 -8.70
CA CYS A 32 -5.90 13.38 -9.11
C CYS A 32 -5.24 12.70 -7.94
N ILE A 33 -5.20 11.36 -8.03
CA ILE A 33 -4.65 10.52 -7.00
C ILE A 33 -3.37 9.87 -7.53
N ALA A 34 -2.38 9.66 -6.65
CA ALA A 34 -1.21 8.86 -6.97
C ALA A 34 -1.06 7.70 -6.01
N HIS A 35 -0.63 6.56 -6.56
CA HIS A 35 -0.14 5.46 -5.74
C HIS A 35 1.31 5.29 -6.08
N ILE A 36 2.14 5.29 -5.04
CA ILE A 36 3.59 5.23 -5.18
C ILE A 36 4.08 4.03 -4.41
N ASP A 37 4.79 3.13 -5.09
CA ASP A 37 5.28 1.89 -4.50
C ASP A 37 6.79 1.78 -4.74
N MET A 38 7.54 1.66 -3.66
CA MET A 38 9.00 1.55 -3.75
C MET A 38 9.41 0.31 -4.56
N ASN A 39 10.36 0.46 -5.46
CA ASN A 39 10.83 -0.69 -6.22
C ASN A 39 11.67 -1.62 -5.34
N ALA A 40 11.45 -2.93 -5.44
CA ALA A 40 12.27 -3.93 -4.76
C ALA A 40 12.72 -3.46 -3.37
N PHE A 41 11.75 -3.08 -2.55
CA PHE A 41 12.07 -2.22 -1.43
C PHE A 41 13.16 -2.74 -0.50
N PHE A 42 13.00 -3.94 0.03
CA PHE A 42 13.97 -4.39 1.04
C PHE A 42 15.36 -4.53 0.39
N ALA A 43 15.39 -4.90 -0.90
CA ALA A 43 16.67 -5.01 -1.64
C ALA A 43 17.33 -3.64 -1.82
N GLN A 44 16.54 -2.61 -2.15
CA GLN A 44 17.10 -1.26 -2.23
C GLN A 44 17.59 -0.76 -0.88
N VAL A 45 16.89 -1.09 0.21
CA VAL A 45 17.35 -0.68 1.54
C VAL A 45 18.74 -1.28 1.83
N GLU A 46 18.90 -2.57 1.54
CA GLU A 46 20.18 -3.24 1.74
C GLU A 46 21.27 -2.70 0.81
N GLN A 47 20.91 -2.42 -0.44
CA GLN A 47 21.82 -1.81 -1.40
C GLN A 47 22.36 -0.50 -0.82
N MET A 48 21.46 0.36 -0.35
CA MET A 48 21.86 1.67 0.16
C MET A 48 22.68 1.53 1.45
N ARG A 49 22.28 0.61 2.33
CA ARG A 49 22.99 0.38 3.58
C ARG A 49 24.44 -0.06 3.32
N CYS A 50 24.62 -0.89 2.30
CA CYS A 50 25.92 -1.48 1.98
C CYS A 50 26.73 -0.71 0.93
N GLY A 51 26.26 0.46 0.53
CA GLY A 51 27.02 1.33 -0.39
C GLY A 51 27.11 0.76 -1.79
N LEU A 52 26.10 -0.01 -2.18
CA LEU A 52 26.10 -0.68 -3.47
C LEU A 52 25.30 0.13 -4.47
N SER A 53 25.37 -0.29 -5.73
CA SER A 53 24.76 0.46 -6.82
C SER A 53 23.52 -0.23 -7.34
N LYS A 54 22.78 0.51 -8.15
CA LYS A 54 21.66 -0.01 -8.95
C LYS A 54 22.05 -1.21 -9.83
N GLU A 55 23.32 -1.31 -10.21
CA GLU A 55 23.75 -2.39 -11.10
C GLU A 55 24.12 -3.68 -10.38
N ASP A 56 24.25 -3.62 -9.06
CA ASP A 56 24.64 -4.78 -8.27
C ASP A 56 23.44 -5.71 -8.02
N PRO A 57 23.59 -7.03 -8.27
CA PRO A 57 22.47 -7.96 -8.17
C PRO A 57 22.22 -8.39 -6.72
N VAL A 58 21.64 -7.46 -5.95
CA VAL A 58 21.33 -7.67 -4.53
C VAL A 58 20.02 -8.45 -4.39
N VAL A 59 19.99 -9.43 -3.49
CA VAL A 59 18.74 -9.98 -3.00
C VAL A 59 18.74 -9.91 -1.47
N CYS A 60 17.57 -9.61 -0.92
CA CYS A 60 17.35 -9.65 0.53
C CYS A 60 16.85 -11.04 0.89
N VAL A 61 17.54 -11.68 1.84
CA VAL A 61 17.22 -13.06 2.21
C VAL A 61 16.68 -13.16 3.63
N GLN A 62 15.62 -13.95 3.80
CA GLN A 62 15.04 -14.22 5.12
C GLN A 62 15.07 -15.75 5.28
N TRP A 63 15.96 -16.22 6.14
CA TRP A 63 16.22 -17.66 6.33
C TRP A 63 16.78 -18.19 4.99
N ASN A 64 16.07 -19.06 4.29
CA ASN A 64 16.55 -19.57 3.00
C ASN A 64 15.77 -19.03 1.82
N SER A 65 14.90 -18.05 2.08
CA SER A 65 13.96 -17.57 1.08
C SER A 65 14.31 -16.14 0.65
N ILE A 66 14.21 -15.86 -0.66
CA ILE A 66 14.45 -14.50 -1.14
C ILE A 66 13.17 -13.69 -0.97
N ILE A 67 13.22 -12.63 -0.16
CA ILE A 67 12.00 -11.85 0.07
C ILE A 67 11.95 -10.55 -0.72
N ALA A 68 13.09 -10.13 -1.28
CA ALA A 68 13.07 -9.02 -2.25
C ALA A 68 14.21 -9.16 -3.25
N VAL A 69 13.91 -8.86 -4.50
CA VAL A 69 14.87 -9.05 -5.61
C VAL A 69 15.13 -7.70 -6.28
N SER A 70 16.36 -7.22 -6.23
CA SER A 70 16.73 -5.99 -6.94
C SER A 70 16.44 -6.15 -8.41
N TYR A 71 16.19 -5.03 -9.10
CA TYR A 71 15.94 -5.07 -10.53
C TYR A 71 17.16 -5.58 -11.30
N ALA A 72 18.37 -5.36 -10.78
CA ALA A 72 19.56 -5.98 -11.38
C ALA A 72 19.53 -7.51 -11.32
N ALA A 73 19.14 -8.07 -10.17
CA ALA A 73 19.01 -9.51 -10.00
C ALA A 73 17.85 -10.11 -10.82
N ARG A 74 16.78 -9.35 -11.01
CA ARG A 74 15.66 -9.80 -11.87
C ARG A 74 16.09 -10.08 -13.30
N LYS A 75 17.13 -9.40 -13.76
CA LYS A 75 17.66 -9.62 -15.13
C LYS A 75 18.19 -11.04 -15.35
N TYR A 76 18.45 -11.76 -14.25
CA TYR A 76 18.83 -13.16 -14.27
C TYR A 76 17.67 -14.14 -14.04
N GLY A 77 16.45 -13.62 -13.96
CA GLY A 77 15.28 -14.48 -13.80
C GLY A 77 14.96 -14.84 -12.36
N ILE A 78 15.61 -14.17 -11.41
CA ILE A 78 15.35 -14.42 -9.99
C ILE A 78 14.01 -13.79 -9.59
N SER A 79 13.22 -14.54 -8.80
CA SER A 79 11.88 -14.13 -8.37
C SER A 79 11.75 -14.23 -6.85
N ARG A 80 10.82 -13.45 -6.30
N ARG A 80 10.82 -13.45 -6.30
CA ARG A 80 10.54 -13.49 -4.87
CA ARG A 80 10.53 -13.47 -4.88
C ARG A 80 10.17 -14.91 -4.52
C ARG A 80 10.16 -14.90 -4.52
N MET A 81 10.62 -15.34 -3.36
CA MET A 81 10.39 -16.69 -2.85
C MET A 81 11.15 -17.81 -3.56
N ASP A 82 12.04 -17.46 -4.51
CA ASP A 82 13.11 -18.41 -4.89
C ASP A 82 13.88 -18.71 -3.62
N THR A 83 14.42 -19.92 -3.51
CA THR A 83 15.37 -20.19 -2.44
C THR A 83 16.71 -19.60 -2.84
N ILE A 84 17.57 -19.34 -1.86
CA ILE A 84 18.87 -18.76 -2.16
C ILE A 84 19.68 -19.71 -3.08
N GLN A 85 19.55 -21.02 -2.88
CA GLN A 85 20.26 -21.96 -3.75
C GLN A 85 19.76 -21.90 -5.20
N GLU A 86 18.45 -21.79 -5.39
CA GLU A 86 17.92 -21.61 -6.75
C GLU A 86 18.44 -20.34 -7.38
N ALA A 87 18.49 -19.25 -6.61
CA ALA A 87 18.93 -17.97 -7.16
C ALA A 87 20.43 -17.99 -7.51
N LEU A 88 21.24 -18.67 -6.71
CA LEU A 88 22.68 -18.78 -6.99
C LEU A 88 22.96 -19.55 -8.28
N LYS A 89 22.06 -20.46 -8.65
CA LYS A 89 22.13 -21.18 -9.94
C LYS A 89 21.74 -20.28 -11.13
N LYS A 90 21.12 -19.13 -10.87
CA LYS A 90 20.73 -18.22 -11.94
C LYS A 90 21.72 -17.06 -12.13
N CYS A 91 22.55 -16.81 -11.14
CA CYS A 91 23.40 -15.61 -11.12
C CYS A 91 24.68 -15.87 -10.34
N SER A 92 25.79 -16.04 -11.04
CA SER A 92 27.05 -16.39 -10.38
C SER A 92 27.59 -15.28 -9.46
N ASN A 93 27.28 -14.01 -9.74
CA ASN A 93 27.77 -12.91 -8.90
C ASN A 93 26.68 -12.29 -8.02
N LEU A 94 25.74 -13.12 -7.61
CA LEU A 94 24.65 -12.68 -6.73
C LEU A 94 25.20 -12.13 -5.43
N ILE A 95 24.54 -11.10 -4.90
CA ILE A 95 24.87 -10.53 -3.59
C ILE A 95 23.68 -10.73 -2.64
N PRO A 96 23.63 -11.88 -1.96
CA PRO A 96 22.61 -12.12 -0.94
C PRO A 96 22.95 -11.41 0.36
N ILE A 97 21.95 -10.74 0.94
CA ILE A 97 22.11 -10.05 2.20
C ILE A 97 20.94 -10.43 3.11
N HIS A 98 21.27 -11.10 4.21
CA HIS A 98 20.26 -11.53 5.19
C HIS A 98 19.70 -10.33 5.94
N THR A 99 18.43 -10.44 6.32
CA THR A 99 17.83 -9.46 7.22
C THR A 99 18.61 -9.40 8.52
N ALA A 100 18.52 -8.27 9.20
CA ALA A 100 18.95 -8.19 10.58
C ALA A 100 18.16 -9.20 11.43
N VAL A 101 18.70 -9.55 12.60
CA VAL A 101 18.10 -10.54 13.47
C VAL A 101 18.35 -10.21 14.94
N PHE A 102 17.45 -10.71 15.79
CA PHE A 102 17.65 -10.82 17.24
C PHE A 102 18.08 -12.25 17.55
N LYS A 103 19.05 -12.43 18.44
CA LYS A 103 19.38 -13.77 18.93
C LYS A 103 18.59 -14.06 20.20
N LYS A 104 18.00 -15.24 20.27
CA LYS A 104 17.30 -15.68 21.45
C LYS A 104 18.23 -15.54 22.65
N GLY A 105 17.71 -14.95 23.72
CA GLY A 105 18.49 -14.64 24.91
C GLY A 105 19.12 -13.25 24.92
N GLU A 106 19.02 -12.53 23.80
CA GLU A 106 19.51 -11.15 23.72
C GLU A 106 18.33 -10.18 23.49
N ASP A 107 18.59 -8.89 23.65
CA ASP A 107 17.54 -7.89 23.69
C ASP A 107 17.73 -6.77 22.65
N PHE A 108 18.55 -7.05 21.63
CA PHE A 108 18.84 -6.09 20.57
C PHE A 108 18.98 -6.82 19.25
N TRP A 109 18.76 -6.10 18.14
CA TRP A 109 18.96 -6.65 16.82
C TRP A 109 20.24 -6.12 16.20
N GLN A 110 20.77 -6.89 15.26
CA GLN A 110 21.91 -6.45 14.46
C GLN A 110 21.98 -7.22 13.16
N TYR A 111 22.76 -6.69 12.22
CA TYR A 111 23.11 -7.42 11.03
C TYR A 111 24.33 -8.26 11.29
N HIS A 112 24.32 -9.47 10.75
CA HIS A 112 25.51 -10.32 10.65
C HIS A 112 25.88 -10.43 9.17
N ASP A 113 26.58 -9.42 8.69
CA ASP A 113 26.90 -9.37 7.27
C ASP A 113 27.99 -10.39 6.99
N GLY A 114 27.89 -11.03 5.84
CA GLY A 114 28.77 -12.13 5.47
C GLY A 114 28.31 -13.47 6.04
N CYS A 115 27.17 -13.46 6.72
CA CYS A 115 26.59 -14.67 7.31
C CYS A 115 25.27 -15.04 6.66
N GLY A 116 25.01 -16.35 6.60
CA GLY A 116 23.82 -16.91 6.00
C GLY A 116 24.04 -18.34 5.56
N SER A 117 22.98 -19.02 5.16
CA SER A 117 23.03 -20.45 4.84
C SER A 117 23.85 -20.77 3.58
N TRP A 118 24.03 -19.76 2.73
CA TRP A 118 24.83 -19.92 1.51
C TRP A 118 26.34 -19.88 1.79
N VAL A 119 26.72 -19.47 3.01
CA VAL A 119 28.13 -19.37 3.38
C VAL A 119 28.63 -20.71 3.90
N GLN A 120 29.76 -21.17 3.37
CA GLN A 120 30.30 -22.49 3.72
C GLN A 120 30.68 -22.54 5.21
N ASP A 121 31.34 -21.50 5.68
CA ASP A 121 31.82 -21.41 7.06
C ASP A 121 30.74 -21.73 8.10
N PRO A 122 30.92 -22.82 8.87
CA PRO A 122 29.97 -23.13 9.96
C PRO A 122 29.89 -22.06 11.06
N ALA A 123 30.88 -21.18 11.13
CA ALA A 123 30.91 -20.10 12.13
C ALA A 123 30.11 -18.87 11.68
N LYS A 124 29.72 -18.83 10.41
CA LYS A 124 29.03 -17.68 9.85
C LYS A 124 27.61 -18.06 9.40
N GLN A 125 26.91 -18.81 10.25
CA GLN A 125 25.53 -19.18 10.00
C GLN A 125 24.61 -18.28 10.81
N ILE A 126 23.36 -18.17 10.36
CA ILE A 126 22.30 -17.51 11.11
C ILE A 126 21.20 -18.52 11.32
N SER A 127 21.29 -19.27 12.42
CA SER A 127 20.37 -20.38 12.64
C SER A 127 18.91 -19.97 12.86
N VAL A 128 17.98 -20.62 12.15
CA VAL A 128 16.55 -20.37 12.33
C VAL A 128 16.06 -20.81 13.72
N GLU A 129 16.82 -21.70 14.36
CA GLU A 129 16.44 -22.23 15.67
C GLU A 129 16.58 -21.21 16.80
N ASP A 130 17.53 -20.29 16.69
CA ASP A 130 17.76 -19.34 17.80
C ASP A 130 17.86 -17.85 17.41
N HIS A 131 17.25 -17.48 16.28
CA HIS A 131 17.12 -16.07 15.91
C HIS A 131 15.68 -15.78 15.48
N LYS A 132 15.30 -14.51 15.59
CA LYS A 132 14.10 -13.99 14.90
C LYS A 132 14.51 -12.82 14.04
N VAL A 133 13.71 -12.51 13.02
CA VAL A 133 14.01 -11.40 12.12
C VAL A 133 13.77 -10.04 12.80
N SER A 134 14.56 -9.05 12.41
CA SER A 134 14.14 -7.67 12.58
C SER A 134 13.93 -7.02 11.20
N LEU A 135 12.72 -6.47 11.02
CA LEU A 135 12.38 -5.71 9.84
C LEU A 135 12.52 -4.21 10.10
N GLU A 136 13.08 -3.85 11.25
CA GLU A 136 13.18 -2.43 11.63
C GLU A 136 14.00 -1.56 10.67
N PRO A 137 15.06 -2.08 10.04
CA PRO A 137 15.73 -1.24 9.05
C PRO A 137 14.79 -0.78 7.93
N TYR A 138 13.90 -1.66 7.48
CA TYR A 138 12.93 -1.33 6.42
C TYR A 138 11.89 -0.35 6.95
N ARG A 139 11.47 -0.54 8.20
CA ARG A 139 10.47 0.35 8.81
C ARG A 139 11.02 1.76 8.97
N ARG A 140 12.26 1.86 9.42
CA ARG A 140 12.91 3.17 9.56
C ARG A 140 12.98 3.90 8.22
N GLU A 141 13.36 3.21 7.16
CA GLU A 141 13.43 3.85 5.84
C GLU A 141 12.06 4.23 5.33
N SER A 142 11.06 3.41 5.58
CA SER A 142 9.69 3.73 5.23
C SER A 142 9.21 5.02 5.91
N ARG A 143 9.57 5.20 7.18
CA ARG A 143 9.15 6.39 7.91
C ARG A 143 9.86 7.63 7.35
N LYS A 144 11.10 7.48 6.90
CA LYS A 144 11.83 8.62 6.31
C LYS A 144 11.14 9.02 5.02
N ALA A 145 10.74 8.03 4.22
CA ALA A 145 10.01 8.28 2.98
C ALA A 145 8.67 8.97 3.27
N LEU A 146 7.95 8.50 4.27
CA LEU A 146 6.67 9.10 4.66
C LEU A 146 6.81 10.58 5.00
N ALA A 147 7.88 10.94 5.73
CA ALA A 147 8.13 12.33 6.10
C ALA A 147 8.33 13.20 4.87
N ILE A 148 8.98 12.64 3.84
CA ILE A 148 9.18 13.37 2.58
C ILE A 148 7.85 13.50 1.83
N PHE A 149 7.06 12.45 1.76
CA PHE A 149 5.76 12.55 1.11
C PHE A 149 4.87 13.59 1.80
N LYS A 150 4.86 13.61 3.11
CA LYS A 150 4.01 14.54 3.87
C LYS A 150 4.48 15.99 3.79
N TRP A 151 5.78 16.20 3.60
CA TRP A 151 6.32 17.52 3.35
C TRP A 151 5.81 18.04 2.01
N ALA A 152 5.65 17.15 1.04
CA ALA A 152 5.26 17.52 -0.33
C ALA A 152 3.76 17.63 -0.51
N CYS A 153 2.97 16.92 0.28
CA CYS A 153 1.53 16.72 0.01
C CYS A 153 0.74 16.71 1.30
N ASP A 154 -0.42 17.37 1.30
CA ASP A 154 -1.21 17.55 2.52
C ASP A 154 -2.08 16.37 2.92
N LEU A 155 -2.15 15.35 2.07
CA LEU A 155 -2.95 14.17 2.38
C LEU A 155 -2.28 12.94 1.81
N VAL A 156 -1.66 12.18 2.70
CA VAL A 156 -0.88 11.03 2.38
C VAL A 156 -1.38 9.85 3.21
N GLU A 157 -1.70 8.74 2.55
CA GLU A 157 -2.10 7.52 3.23
C GLU A 157 -1.00 6.48 3.11
N ARG A 158 -0.44 6.06 4.24
CA ARG A 158 0.51 4.96 4.23
C ARG A 158 -0.29 3.67 4.14
N ALA A 159 -0.17 2.94 3.03
CA ALA A 159 -1.02 1.78 2.77
C ALA A 159 -0.36 0.48 3.19
N SER A 160 0.97 0.47 3.24
CA SER A 160 1.74 -0.67 3.72
C SER A 160 3.19 -0.20 3.78
N ILE A 161 4.11 -1.09 4.10
CA ILE A 161 5.46 -0.65 4.42
C ILE A 161 6.13 0.13 3.28
N ASP A 162 5.78 -0.16 2.03
CA ASP A 162 6.43 0.55 0.94
C ASP A 162 5.48 1.22 -0.05
N GLU A 163 4.23 1.46 0.36
CA GLU A 163 3.20 2.04 -0.52
C GLU A 163 2.60 3.27 0.16
N VAL A 164 2.36 4.31 -0.63
CA VAL A 164 1.51 5.43 -0.19
C VAL A 164 0.55 5.81 -1.28
N PHE A 165 -0.59 6.38 -0.88
CA PHE A 165 -1.45 7.11 -1.79
C PHE A 165 -1.31 8.59 -1.45
N LEU A 166 -1.29 9.43 -2.48
CA LEU A 166 -1.29 10.87 -2.32
C LEU A 166 -2.54 11.44 -2.98
N ASP A 167 -3.19 12.38 -2.32
CA ASP A 167 -4.24 13.19 -2.98
C ASP A 167 -3.58 14.49 -3.43
N LEU A 168 -3.42 14.64 -4.75
CA LEU A 168 -2.76 15.80 -5.33
C LEU A 168 -3.72 16.94 -5.63
N GLY A 169 -4.95 16.86 -5.16
CA GLY A 169 -5.97 17.85 -5.46
C GLY A 169 -5.60 19.30 -5.17
N ARG A 170 -5.08 19.58 -3.98
CA ARG A 170 -4.73 20.98 -3.67
C ARG A 170 -3.60 21.47 -4.56
N ILE A 171 -2.60 20.62 -4.79
CA ILE A 171 -1.46 21.02 -5.58
C ILE A 171 -1.88 21.30 -7.04
N CYS A 172 -2.70 20.42 -7.59
CA CYS A 172 -3.22 20.59 -8.97
C CYS A 172 -4.12 21.82 -9.09
N PHE A 173 -5.02 22.01 -8.14
CA PHE A 173 -5.93 23.14 -8.20
C PHE A 173 -5.14 24.45 -8.12
N ASN A 174 -4.20 24.47 -7.20
CA ASN A 174 -3.39 25.66 -6.99
C ASN A 174 -2.53 25.97 -8.19
N MET A 175 -1.99 24.96 -8.84
CA MET A 175 -1.22 25.17 -10.06
C MET A 175 -2.10 25.70 -11.17
N LEU A 176 -3.25 25.07 -11.35
CA LEU A 176 -4.22 25.48 -12.37
C LEU A 176 -4.61 26.96 -12.25
N MET A 177 -4.88 27.41 -11.03
CA MET A 177 -5.45 28.75 -10.83
C MET A 177 -4.44 29.83 -10.54
N PHE A 178 -3.31 29.48 -9.94
CA PHE A 178 -2.43 30.50 -9.33
C PHE A 178 -0.97 30.52 -9.80
N ASP A 179 -0.51 29.46 -10.47
CA ASP A 179 0.89 29.36 -10.86
C ASP A 179 1.17 30.27 -12.04
N ASN A 180 1.98 31.31 -11.80
CA ASN A 180 2.26 32.29 -12.83
C ASN A 180 3.64 32.11 -13.47
N GLU A 181 4.33 31.04 -13.07
N GLU A 181 4.37 31.06 -13.11
CA GLU A 181 5.68 30.72 -13.52
CA GLU A 181 5.68 30.84 -13.74
C GLU A 181 5.71 29.63 -14.61
C GLU A 181 5.79 29.58 -14.61
N TYR A 182 4.88 28.63 -14.43
CA TYR A 182 4.93 27.41 -15.23
C TYR A 182 4.82 27.70 -16.70
N GLU A 183 5.75 27.14 -17.48
CA GLU A 183 5.81 27.32 -18.91
C GLU A 183 5.34 26.07 -19.66
N LEU A 184 4.46 26.27 -20.63
CA LEU A 184 4.02 25.20 -21.52
C LEU A 184 4.97 25.10 -22.70
N THR A 185 5.23 26.25 -23.34
CA THR A 185 6.24 26.36 -24.41
C THR A 185 7.15 27.55 -24.11
N GLY A 186 8.18 27.74 -24.94
CA GLY A 186 9.03 28.91 -24.81
C GLY A 186 8.29 30.20 -25.08
N ASP A 187 7.15 30.12 -25.76
CA ASP A 187 6.34 31.30 -26.06
C ASP A 187 5.02 31.37 -25.27
N LEU A 188 4.76 30.42 -24.39
CA LEU A 188 3.43 30.27 -23.77
C LEU A 188 3.48 29.80 -22.32
N LYS A 189 3.02 30.65 -21.40
CA LYS A 189 2.91 30.27 -20.00
C LYS A 189 1.54 29.68 -19.70
N LEU A 190 1.49 28.85 -18.67
CA LEU A 190 0.21 28.28 -18.18
C LEU A 190 -0.80 29.37 -17.89
N LYS A 191 -0.34 30.49 -17.29
CA LYS A 191 -1.25 31.57 -16.93
C LYS A 191 -1.96 32.19 -18.13
N ASP A 192 -1.30 32.19 -19.28
CA ASP A 192 -1.86 32.79 -20.48
C ASP A 192 -2.75 31.77 -21.22
N ALA A 193 -2.35 30.51 -21.24
CA ALA A 193 -3.22 29.44 -21.76
C ALA A 193 -4.56 29.37 -21.03
N LEU A 194 -4.53 29.59 -19.72
CA LEU A 194 -5.72 29.48 -18.88
C LEU A 194 -6.31 30.84 -18.49
N SER A 195 -6.15 31.83 -19.35
CA SER A 195 -6.65 33.16 -19.04
C SER A 195 -8.17 33.16 -18.83
N ASN A 196 -8.94 32.41 -19.62
CA ASN A 196 -10.42 32.43 -19.48
C ASN A 196 -10.88 31.87 -18.13
N ILE A 197 -10.40 30.69 -17.77
CA ILE A 197 -10.86 30.06 -16.52
C ILE A 197 -10.37 30.84 -15.30
N ARG A 198 -9.15 31.41 -15.35
CA ARG A 198 -8.64 32.19 -14.24
C ARG A 198 -9.41 33.50 -14.07
N GLU A 199 -9.79 34.10 -15.21
CA GLU A 199 -10.61 35.30 -15.18
C GLU A 199 -11.94 35.04 -14.46
N ALA A 200 -12.57 33.92 -14.80
CA ALA A 200 -13.86 33.49 -14.21
C ALA A 200 -13.71 33.20 -12.74
N PHE A 201 -12.63 32.51 -12.39
CA PHE A 201 -12.42 32.14 -11.01
C PHE A 201 -12.14 33.36 -10.13
N ILE A 202 -11.24 34.23 -10.56
CA ILE A 202 -10.95 35.45 -9.81
C ILE A 202 -12.15 36.41 -9.76
N GLY A 203 -12.82 36.51 -10.90
CA GLY A 203 -14.05 37.33 -11.07
C GLY A 203 -15.16 36.87 -10.14
N GLY A 204 -15.17 35.59 -9.87
CA GLY A 204 -16.06 35.00 -8.88
C GLY A 204 -17.50 34.92 -9.23
N ASN A 205 -17.82 35.06 -10.52
CA ASN A 205 -19.21 35.21 -10.93
C ASN A 205 -19.82 33.93 -11.51
N TYR A 206 -19.21 32.78 -11.24
CA TYR A 206 -19.68 31.47 -11.71
C TYR A 206 -20.73 30.90 -10.74
N ASP A 207 -21.55 30.01 -11.27
CA ASP A 207 -22.48 29.20 -10.47
C ASP A 207 -21.82 27.83 -10.28
N ILE A 208 -21.77 27.38 -9.05
CA ILE A 208 -21.08 26.14 -8.73
C ILE A 208 -21.64 24.96 -9.51
N ASN A 209 -22.93 25.01 -9.83
CA ASN A 209 -23.56 23.89 -10.55
C ASN A 209 -23.49 23.99 -12.07
N SER A 210 -22.89 25.06 -12.60
CA SER A 210 -22.68 25.24 -14.05
C SER A 210 -21.53 24.37 -14.52
N HIS A 211 -21.65 23.89 -15.75
CA HIS A 211 -20.50 23.25 -16.37
C HIS A 211 -19.42 24.26 -16.70
N LEU A 212 -18.19 23.78 -16.63
CA LEU A 212 -17.04 24.52 -17.09
C LEU A 212 -17.12 24.74 -18.61
N PRO A 213 -16.46 25.76 -19.11
CA PRO A 213 -16.38 25.88 -20.56
C PRO A 213 -15.53 24.80 -21.16
N LEU A 214 -15.68 24.55 -22.45
CA LEU A 214 -14.78 23.63 -23.13
C LEU A 214 -13.35 24.20 -22.97
N ILE A 215 -12.39 23.31 -22.78
CA ILE A 215 -11.01 23.71 -22.61
C ILE A 215 -10.52 24.58 -23.77
N PRO A 216 -9.61 25.51 -23.47
CA PRO A 216 -9.02 26.32 -24.51
C PRO A 216 -8.03 25.51 -25.34
N GLU A 217 -7.93 25.82 -26.63
CA GLU A 217 -6.99 25.09 -27.47
C GLU A 217 -5.56 25.21 -26.95
N LYS A 218 -5.21 26.35 -26.36
CA LYS A 218 -3.83 26.54 -25.89
C LYS A 218 -3.37 25.58 -24.78
N ILE A 219 -4.29 25.04 -23.97
CA ILE A 219 -3.87 24.14 -22.91
C ILE A 219 -3.47 22.77 -23.46
N LYS A 220 -3.78 22.49 -24.71
CA LYS A 220 -3.36 21.22 -25.32
C LYS A 220 -1.81 21.10 -25.49
N SER A 221 -1.11 22.21 -25.29
N SER A 221 -1.08 22.20 -25.29
CA SER A 221 0.35 22.22 -25.29
CA SER A 221 0.38 22.12 -25.32
C SER A 221 0.94 21.65 -23.99
C SER A 221 0.97 21.71 -23.97
N LEU A 222 0.12 21.52 -22.96
CA LEU A 222 0.55 20.96 -21.70
C LEU A 222 0.95 19.50 -21.89
N LYS A 223 2.06 19.10 -21.30
CA LYS A 223 2.56 17.73 -21.44
C LYS A 223 2.29 16.93 -20.19
N PHE A 224 2.03 15.63 -20.40
CA PHE A 224 2.09 14.65 -19.31
C PHE A 224 3.56 14.29 -19.08
N GLU A 225 3.93 14.06 -17.83
CA GLU A 225 5.23 13.52 -17.50
C GLU A 225 5.02 12.05 -17.16
N GLY A 226 5.62 11.18 -17.94
CA GLY A 226 5.53 9.76 -17.67
C GLY A 226 4.90 9.01 -18.82
N ASP A 227 4.50 7.78 -18.56
CA ASP A 227 3.97 6.89 -19.59
C ASP A 227 2.45 6.91 -19.57
N VAL A 228 1.85 7.53 -20.59
CA VAL A 228 0.41 7.62 -20.67
C VAL A 228 -0.10 6.33 -21.33
N PHE A 229 -0.94 5.59 -20.59
CA PHE A 229 -1.47 4.35 -21.11
C PHE A 229 -2.48 4.69 -22.20
N ASN A 230 -2.15 4.33 -23.44
CA ASN A 230 -2.95 4.83 -24.55
C ASN A 230 -2.84 3.98 -25.81
N PRO A 231 -3.22 2.71 -25.72
CA PRO A 231 -3.05 1.81 -26.86
C PRO A 231 -3.88 2.22 -28.08
N GLU A 232 -5.00 2.91 -27.87
CA GLU A 232 -5.87 3.34 -28.96
C GLU A 232 -5.48 4.71 -29.55
N GLY A 233 -4.44 5.33 -29.01
CA GLY A 233 -3.95 6.62 -29.51
C GLY A 233 -4.99 7.73 -29.44
N ARG A 234 -5.67 7.78 -28.30
CA ARG A 234 -6.65 8.81 -28.04
C ARG A 234 -5.95 10.16 -27.86
N ASP A 235 -6.65 11.23 -28.20
CA ASP A 235 -6.13 12.57 -28.02
CA ASP A 235 -6.16 12.60 -27.99
C ASP A 235 -5.76 12.79 -26.54
N LEU A 236 -4.58 13.38 -26.28
CA LEU A 236 -4.09 13.42 -24.89
C LEU A 236 -4.83 14.37 -23.97
N ILE A 237 -5.15 15.57 -24.45
CA ILE A 237 -5.80 16.58 -23.61
C ILE A 237 -7.11 17.03 -24.28
N THR A 238 -8.23 16.56 -23.74
CA THR A 238 -9.52 16.88 -24.36
C THR A 238 -10.54 17.51 -23.40
N ASP A 239 -10.28 17.48 -22.10
CA ASP A 239 -11.19 18.10 -21.12
C ASP A 239 -10.40 18.40 -19.86
N TRP A 240 -11.06 18.99 -18.87
CA TRP A 240 -10.34 19.48 -17.70
C TRP A 240 -9.73 18.37 -16.82
N ASP A 241 -10.30 17.17 -16.89
CA ASP A 241 -9.69 16.05 -16.17
C ASP A 241 -8.26 15.78 -16.66
N ASP A 242 -8.08 15.81 -17.96
CA ASP A 242 -6.76 15.61 -18.55
C ASP A 242 -5.78 16.72 -18.12
N VAL A 243 -6.28 17.95 -18.06
CA VAL A 243 -5.44 19.09 -17.61
C VAL A 243 -4.95 18.89 -16.19
N ILE A 244 -5.88 18.58 -15.28
CA ILE A 244 -5.55 18.29 -13.88
C ILE A 244 -4.57 17.11 -13.76
N LEU A 245 -4.83 16.03 -14.49
CA LEU A 245 -3.98 14.84 -14.45
C LEU A 245 -2.57 15.12 -14.93
N ALA A 246 -2.45 15.90 -16.02
CA ALA A 246 -1.14 16.26 -16.58
C ALA A 246 -0.35 17.13 -15.59
N LEU A 247 -1.02 18.10 -14.99
CA LEU A 247 -0.37 18.90 -13.92
C LEU A 247 0.06 18.00 -12.76
N GLY A 248 -0.83 17.10 -12.34
CA GLY A 248 -0.49 16.15 -11.30
C GLY A 248 0.71 15.29 -11.65
N SER A 249 0.81 14.85 -12.91
CA SER A 249 1.94 14.04 -13.34
C SER A 249 3.26 14.80 -13.20
N GLN A 250 3.24 16.11 -13.45
CA GLN A 250 4.45 16.92 -13.32
C GLN A 250 4.84 17.02 -11.84
N VAL A 251 3.86 17.23 -10.97
CA VAL A 251 4.11 17.35 -9.53
C VAL A 251 4.63 16.03 -8.96
N CYS A 252 3.97 14.95 -9.38
N CYS A 252 4.00 14.94 -9.33
CA CYS A 252 4.25 13.60 -8.93
CA CYS A 252 4.43 13.65 -8.80
C CYS A 252 5.71 13.20 -9.25
C CYS A 252 5.84 13.27 -9.19
N LYS A 253 6.19 13.56 -10.44
CA LYS A 253 7.56 13.28 -10.84
C LYS A 253 8.55 13.98 -9.89
N GLY A 254 8.23 15.21 -9.55
CA GLY A 254 9.02 16.03 -8.58
C GLY A 254 9.13 15.41 -7.21
N ILE A 255 8.00 14.90 -6.74
CA ILE A 255 7.95 14.22 -5.44
C ILE A 255 8.79 12.94 -5.47
N ARG A 256 8.63 12.13 -6.53
CA ARG A 256 9.41 10.91 -6.69
C ARG A 256 10.91 11.19 -6.84
N ASP A 257 11.24 12.26 -7.55
CA ASP A 257 12.64 12.71 -7.63
C ASP A 257 13.21 13.10 -6.26
N SER A 258 12.39 13.67 -5.38
CA SER A 258 12.82 14.00 -4.01
C SER A 258 13.16 12.74 -3.23
N ILE A 259 12.31 11.72 -3.34
CA ILE A 259 12.59 10.42 -2.74
C ILE A 259 13.90 9.83 -3.25
N LYS A 260 14.07 9.87 -4.57
CA LYS A 260 15.27 9.30 -5.20
C LYS A 260 16.53 10.09 -4.80
N ASP A 261 16.43 11.41 -4.77
CA ASP A 261 17.59 12.27 -4.54
C ASP A 261 18.02 12.24 -3.07
N ILE A 262 17.05 12.24 -2.17
CA ILE A 262 17.31 12.27 -0.73
C ILE A 262 17.64 10.88 -0.16
N LEU A 263 16.84 9.87 -0.53
CA LEU A 263 16.97 8.52 0.07
C LEU A 263 17.67 7.49 -0.80
N GLY A 264 17.68 7.71 -2.11
CA GLY A 264 18.27 6.79 -3.07
C GLY A 264 17.29 5.81 -3.71
N TYR A 265 16.01 5.88 -3.37
CA TYR A 265 15.08 4.83 -3.81
C TYR A 265 14.34 5.18 -5.08
N THR A 266 14.27 4.21 -5.99
CA THR A 266 13.38 4.35 -7.14
C THR A 266 11.98 3.85 -6.79
N THR A 267 10.99 4.40 -7.48
CA THR A 267 9.59 4.09 -7.25
C THR A 267 8.88 3.85 -8.58
N SER A 268 7.80 3.09 -8.52
CA SER A 268 6.82 3.08 -9.58
C SER A 268 5.55 3.72 -9.05
N CYS A 269 4.77 4.30 -9.96
CA CYS A 269 3.66 5.16 -9.59
C CYS A 269 2.55 5.01 -10.60
N GLY A 270 1.32 5.08 -10.09
CA GLY A 270 0.12 5.10 -10.92
C GLY A 270 -0.62 6.39 -10.63
N LEU A 271 -1.06 7.08 -11.68
CA LEU A 271 -1.80 8.33 -11.57
C LEU A 271 -3.12 8.18 -12.29
N SER A 272 -4.21 8.52 -11.61
CA SER A 272 -5.54 8.44 -12.17
C SER A 272 -6.49 9.14 -11.23
N SER A 273 -7.77 9.08 -11.56
CA SER A 273 -8.82 9.67 -10.71
C SER A 273 -9.29 8.83 -9.51
N THR A 274 -8.80 7.60 -9.37
CA THR A 274 -9.21 6.75 -8.24
C THR A 274 -8.08 5.93 -7.65
N LYS A 275 -8.18 5.67 -6.34
CA LYS A 275 -7.18 4.84 -5.65
C LYS A 275 -7.06 3.46 -6.32
N ASN A 276 -8.18 2.81 -6.66
CA ASN A 276 -8.11 1.44 -7.21
CA ASN A 276 -8.10 1.44 -7.18
C ASN A 276 -7.35 1.39 -8.52
N VAL A 277 -7.61 2.34 -9.40
CA VAL A 277 -6.89 2.37 -10.67
C VAL A 277 -5.40 2.71 -10.47
N CYS A 278 -5.11 3.67 -9.59
CA CYS A 278 -3.72 4.01 -9.27
C CYS A 278 -2.91 2.80 -8.84
N LYS A 279 -3.49 1.95 -7.98
CA LYS A 279 -2.78 0.78 -7.45
C LYS A 279 -2.50 -0.23 -8.56
N LEU A 280 -3.43 -0.40 -9.50
CA LEU A 280 -3.16 -1.23 -10.66
C LEU A 280 -2.07 -0.61 -11.56
N ALA A 281 -2.18 0.69 -11.77
CA ALA A 281 -1.26 1.39 -12.65
C ALA A 281 0.18 1.43 -12.10
N SER A 282 0.37 1.51 -10.78
CA SER A 282 1.72 1.58 -10.23
C SER A 282 2.45 0.25 -10.43
N ASN A 283 1.71 -0.84 -10.58
CA ASN A 283 2.29 -2.14 -10.84
C ASN A 283 2.50 -2.47 -12.32
N TYR A 284 2.02 -1.59 -13.19
CA TYR A 284 2.03 -1.83 -14.63
C TYR A 284 3.43 -1.81 -15.25
N LYS A 285 4.26 -0.86 -14.82
CA LYS A 285 5.60 -0.66 -15.38
C LYS A 285 6.58 -0.40 -14.25
N LYS A 286 7.61 -1.23 -14.19
CA LYS A 286 8.60 -1.17 -13.14
C LYS A 286 9.94 -1.55 -13.75
N PRO A 287 11.05 -0.98 -13.24
CA PRO A 287 11.14 -0.01 -12.15
C PRO A 287 11.11 1.45 -12.64
N ASP A 288 11.05 2.38 -11.71
CA ASP A 288 11.35 3.79 -11.99
C ASP A 288 10.49 4.36 -13.11
N ALA A 289 9.18 4.23 -12.93
CA ALA A 289 8.22 4.66 -13.94
C ALA A 289 6.94 5.15 -13.32
N GLN A 290 6.25 6.02 -14.03
CA GLN A 290 4.90 6.38 -13.64
C GLN A 290 3.96 6.17 -14.81
N THR A 291 2.89 5.42 -14.55
CA THR A 291 1.89 5.08 -15.54
C THR A 291 0.63 5.92 -15.26
N ILE A 292 0.17 6.63 -16.29
CA ILE A 292 -0.92 7.58 -16.16
C ILE A 292 -2.12 7.01 -16.91
N VAL A 293 -3.27 6.93 -16.23
CA VAL A 293 -4.48 6.38 -16.84
C VAL A 293 -5.54 7.49 -16.89
N LYS A 294 -5.71 8.07 -18.08
CA LYS A 294 -6.73 9.07 -18.37
C LYS A 294 -8.12 8.49 -18.18
N ASN A 295 -9.08 9.33 -17.79
CA ASN A 295 -10.46 8.82 -17.70
C ASN A 295 -10.95 8.18 -18.99
N ASP A 296 -10.61 8.79 -20.14
CA ASP A 296 -11.01 8.23 -21.43
C ASP A 296 -10.29 6.92 -21.81
N CYS A 297 -9.27 6.55 -21.04
CA CYS A 297 -8.52 5.30 -21.26
C CYS A 297 -8.80 4.26 -20.19
N LEU A 298 -9.76 4.51 -19.29
CA LEU A 298 -9.96 3.58 -18.17
C LEU A 298 -10.38 2.18 -18.65
N LEU A 299 -11.29 2.12 -19.64
CA LEU A 299 -11.77 0.83 -20.07
C LEU A 299 -10.67 0.12 -20.88
N ASP A 300 -9.91 0.89 -21.66
CA ASP A 300 -8.74 0.36 -22.38
C ASP A 300 -7.80 -0.33 -21.40
N PHE A 301 -7.55 0.32 -20.27
CA PHE A 301 -6.66 -0.19 -19.24
C PHE A 301 -7.25 -1.40 -18.53
N LEU A 302 -8.46 -1.26 -18.02
CA LEU A 302 -9.07 -2.38 -17.28
C LEU A 302 -9.27 -3.62 -18.12
N ASP A 303 -9.43 -3.45 -19.43
CA ASP A 303 -9.72 -4.56 -20.36
C ASP A 303 -8.48 -5.05 -21.12
N CYS A 304 -7.30 -4.57 -20.72
CA CYS A 304 -6.06 -4.92 -21.46
C CYS A 304 -5.70 -6.39 -21.39
N GLY A 305 -6.31 -7.12 -20.45
CA GLY A 305 -6.11 -8.56 -20.34
C GLY A 305 -5.31 -8.96 -19.10
N LYS A 306 -4.75 -7.98 -18.41
CA LYS A 306 -4.02 -8.23 -17.18
C LYS A 306 -4.91 -8.38 -15.95
N PHE A 307 -6.13 -7.88 -16.03
CA PHE A 307 -6.95 -7.71 -14.85
C PHE A 307 -8.26 -8.50 -14.89
N GLU A 308 -8.69 -8.90 -13.71
CA GLU A 308 -10.01 -9.51 -13.52
C GLU A 308 -10.68 -8.84 -12.33
N ILE A 309 -11.93 -9.21 -12.03
CA ILE A 309 -12.58 -8.53 -10.91
C ILE A 309 -11.84 -8.81 -9.59
N THR A 310 -11.16 -9.94 -9.54
CA THR A 310 -10.37 -10.37 -8.39
C THR A 310 -9.08 -9.55 -8.22
N SER A 311 -8.74 -8.73 -9.22
CA SER A 311 -7.60 -7.84 -9.12
C SER A 311 -7.82 -6.65 -8.22
N PHE A 312 -9.08 -6.33 -7.95
CA PHE A 312 -9.42 -5.14 -7.22
C PHE A 312 -9.30 -5.39 -5.72
N TRP A 313 -8.81 -4.40 -5.00
CA TRP A 313 -8.65 -4.48 -3.57
C TRP A 313 -9.98 -4.85 -2.88
N THR A 314 -9.93 -5.88 -2.02
CA THR A 314 -11.03 -6.47 -1.25
C THR A 314 -11.65 -7.70 -1.92
N LEU A 315 -11.35 -7.89 -3.20
CA LEU A 315 -11.99 -8.92 -4.01
C LEU A 315 -11.03 -10.06 -4.41
N GLY A 316 -9.82 -10.07 -3.85
CA GLY A 316 -8.81 -11.09 -4.16
C GLY A 316 -8.90 -12.36 -3.34
N GLY A 317 -9.94 -12.47 -2.50
CA GLY A 317 -10.15 -13.63 -1.61
C GLY A 317 -11.47 -14.34 -1.78
N VAL A 318 -12.06 -14.82 -0.67
CA VAL A 318 -13.28 -15.65 -0.73
C VAL A 318 -14.53 -14.87 -1.19
N LEU A 319 -14.63 -13.58 -0.85
CA LEU A 319 -15.74 -12.76 -1.37
C LEU A 319 -15.69 -12.68 -2.88
N GLY A 320 -14.50 -12.42 -3.43
CA GLY A 320 -14.32 -12.41 -4.88
C GLY A 320 -14.74 -13.70 -5.56
N LYS A 321 -14.32 -14.84 -5.02
CA LYS A 321 -14.73 -16.14 -5.59
C LYS A 321 -16.24 -16.36 -5.46
N GLU A 322 -16.84 -15.90 -4.36
CA GLU A 322 -18.28 -16.01 -4.20
C GLU A 322 -18.98 -15.17 -5.27
N LEU A 323 -18.46 -13.97 -5.53
CA LEU A 323 -19.08 -13.11 -6.54
C LEU A 323 -18.96 -13.72 -7.92
N ILE A 324 -17.82 -14.36 -8.21
CA ILE A 324 -17.68 -15.07 -9.49
C ILE A 324 -18.81 -16.11 -9.66
N ASP A 325 -19.13 -16.83 -8.58
CA ASP A 325 -20.18 -17.84 -8.63
C ASP A 325 -21.58 -17.19 -8.74
N VAL A 326 -21.87 -16.27 -7.81
CA VAL A 326 -23.19 -15.65 -7.75
C VAL A 326 -23.55 -14.88 -9.03
N LEU A 327 -22.59 -14.12 -9.57
CA LEU A 327 -22.85 -13.31 -10.76
C LEU A 327 -22.57 -14.05 -12.07
N ASP A 328 -22.18 -15.33 -11.97
CA ASP A 328 -21.93 -16.17 -13.13
CA ASP A 328 -21.89 -16.20 -13.12
C ASP A 328 -20.87 -15.53 -14.04
N LEU A 329 -19.77 -15.08 -13.45
CA LEU A 329 -18.73 -14.41 -14.22
C LEU A 329 -17.86 -15.40 -14.98
N PRO A 330 -17.37 -15.01 -16.17
CA PRO A 330 -16.44 -15.86 -16.91
C PRO A 330 -15.07 -15.87 -16.25
N HIS A 331 -14.25 -16.87 -16.59
CA HIS A 331 -12.92 -16.97 -16.00
C HIS A 331 -11.97 -15.88 -16.49
N GLU A 332 -12.26 -15.31 -17.65
CA GLU A 332 -11.47 -14.17 -18.15
C GLU A 332 -12.39 -13.07 -18.66
N ASN A 333 -11.86 -11.86 -18.70
CA ASN A 333 -12.61 -10.68 -19.12
C ASN A 333 -13.87 -10.47 -18.27
N SER A 334 -13.73 -10.76 -16.99
CA SER A 334 -14.81 -10.60 -16.02
C SER A 334 -15.19 -9.14 -15.80
N ILE A 335 -14.23 -8.23 -15.93
CA ILE A 335 -14.51 -6.82 -15.69
C ILE A 335 -15.45 -6.29 -16.78
N LYS A 336 -15.09 -6.52 -18.04
CA LYS A 336 -15.96 -6.17 -19.17
C LYS A 336 -17.31 -6.85 -19.07
N HIS A 337 -17.32 -8.10 -18.61
CA HIS A 337 -18.56 -8.84 -18.45
C HIS A 337 -19.49 -8.14 -17.47
N ILE A 338 -18.94 -7.72 -16.33
CA ILE A 338 -19.76 -6.94 -15.35
C ILE A 338 -20.33 -5.68 -15.97
N ARG A 339 -19.47 -4.95 -16.66
CA ARG A 339 -19.84 -3.71 -17.32
C ARG A 339 -20.97 -3.89 -18.31
N GLU A 340 -20.86 -4.93 -19.14
CA GLU A 340 -21.79 -5.11 -20.26
C GLU A 340 -23.09 -5.81 -19.88
N THR A 341 -23.05 -6.62 -18.83
CA THR A 341 -24.21 -7.40 -18.40
C THR A 341 -25.21 -6.50 -17.64
N TRP A 342 -24.69 -5.48 -16.94
CA TRP A 342 -25.50 -4.46 -16.21
C TRP A 342 -25.02 -3.11 -16.68
N PRO A 343 -25.41 -2.75 -17.90
CA PRO A 343 -24.74 -1.66 -18.60
C PRO A 343 -25.19 -0.24 -18.26
N ASP A 344 -26.37 -0.07 -17.68
CA ASP A 344 -26.93 1.26 -17.55
C ASP A 344 -26.77 1.88 -16.17
N ASN A 345 -27.03 1.10 -15.12
CA ASN A 345 -26.97 1.60 -13.76
C ASN A 345 -26.80 0.50 -12.74
N ALA A 346 -26.29 0.85 -11.57
CA ALA A 346 -26.01 -0.11 -10.52
C ALA A 346 -27.28 -0.82 -10.02
N GLY A 347 -28.43 -0.17 -10.16
CA GLY A 347 -29.72 -0.76 -9.82
C GLY A 347 -30.00 -2.06 -10.54
N GLN A 348 -29.49 -2.21 -11.76
CA GLN A 348 -29.66 -3.45 -12.54
C GLN A 348 -28.95 -4.61 -11.83
N LEU A 349 -27.75 -4.34 -11.37
CA LEU A 349 -26.96 -5.30 -10.61
C LEU A 349 -27.54 -5.54 -9.21
N LYS A 350 -28.03 -4.48 -8.57
CA LYS A 350 -28.68 -4.64 -7.27
C LYS A 350 -29.88 -5.59 -7.34
N GLU A 351 -30.72 -5.42 -8.36
CA GLU A 351 -31.91 -6.28 -8.53
C GLU A 351 -31.48 -7.73 -8.64
N PHE A 352 -30.44 -7.96 -9.43
CA PHE A 352 -29.89 -9.31 -9.66
C PHE A 352 -29.36 -9.91 -8.35
N LEU A 353 -28.60 -9.12 -7.59
CA LEU A 353 -28.08 -9.59 -6.30
C LEU A 353 -29.20 -9.86 -5.30
N ASP A 354 -30.19 -8.97 -5.24
CA ASP A 354 -31.27 -9.12 -4.28
C ASP A 354 -32.00 -10.44 -4.52
N ALA A 355 -32.23 -10.78 -5.78
CA ALA A 355 -32.93 -12.02 -6.09
C ALA A 355 -32.11 -13.22 -5.63
N LYS A 356 -30.79 -13.19 -5.89
CA LYS A 356 -29.91 -14.30 -5.52
C LYS A 356 -29.88 -14.54 -4.01
N VAL A 357 -29.72 -13.46 -3.25
CA VAL A 357 -29.68 -13.50 -1.79
C VAL A 357 -31.04 -13.76 -1.08
N LYS A 358 -32.16 -13.42 -1.72
CA LYS A 358 -33.47 -13.62 -1.07
C LYS A 358 -33.84 -15.09 -1.08
N GLN A 359 -33.15 -15.88 -1.90
CA GLN A 359 -33.53 -17.29 -2.02
C GLN A 359 -33.35 -18.00 -0.69
N SER A 360 -34.37 -18.76 -0.28
CA SER A 360 -34.36 -19.44 1.01
C SER A 360 -33.14 -20.33 1.20
N ASP A 361 -32.63 -20.91 0.12
CA ASP A 361 -31.49 -21.83 0.21
C ASP A 361 -30.15 -21.15 -0.12
N TYR A 362 -30.08 -19.83 0.12
CA TYR A 362 -28.80 -19.13 0.12
C TYR A 362 -28.17 -19.14 1.53
N ASP A 363 -26.91 -19.62 1.61
CA ASP A 363 -26.10 -19.74 2.86
C ASP A 363 -26.84 -20.16 4.13
N SER A 367 -21.70 -17.08 3.65
CA SER A 367 -21.58 -16.02 2.64
C SER A 367 -20.90 -14.79 3.22
N ASN A 368 -20.15 -14.09 2.37
CA ASN A 368 -19.52 -12.84 2.77
C ASN A 368 -20.22 -11.63 2.15
N ILE A 369 -21.37 -11.87 1.53
CA ILE A 369 -22.22 -10.81 1.02
C ILE A 369 -23.24 -10.44 2.09
N ASP A 370 -23.33 -9.14 2.40
CA ASP A 370 -24.32 -8.62 3.36
C ASP A 370 -25.64 -8.31 2.63
N PRO A 371 -26.70 -9.07 2.96
CA PRO A 371 -27.98 -8.90 2.28
C PRO A 371 -28.65 -7.55 2.51
N LEU A 372 -28.24 -6.85 3.56
CA LEU A 372 -28.79 -5.53 3.85
C LEU A 372 -28.01 -4.42 3.18
N LYS A 373 -26.90 -4.77 2.51
CA LYS A 373 -26.03 -3.76 1.91
C LYS A 373 -25.76 -4.06 0.43
N THR A 374 -26.75 -4.60 -0.25
CA THR A 374 -26.59 -4.92 -1.67
C THR A 374 -26.51 -3.68 -2.54
N ALA A 375 -27.13 -2.58 -2.11
CA ALA A 375 -27.00 -1.32 -2.85
C ALA A 375 -25.52 -0.90 -2.92
N ASP A 376 -24.84 -0.91 -1.78
CA ASP A 376 -23.41 -0.56 -1.75
C ASP A 376 -22.58 -1.53 -2.58
N LEU A 377 -22.88 -2.82 -2.53
CA LEU A 377 -22.08 -3.79 -3.28
C LEU A 377 -22.27 -3.60 -4.78
N ALA A 378 -23.51 -3.43 -5.20
CA ALA A 378 -23.84 -3.20 -6.59
C ALA A 378 -23.12 -1.96 -7.11
N GLU A 379 -23.17 -0.87 -6.36
N GLU A 379 -23.18 -0.85 -6.37
CA GLU A 379 -22.53 0.39 -6.77
CA GLU A 379 -22.51 0.39 -6.76
C GLU A 379 -21.01 0.24 -6.85
C GLU A 379 -21.01 0.20 -6.89
N LYS A 380 -20.44 -0.48 -5.89
CA LYS A 380 -19.00 -0.75 -5.89
C LYS A 380 -18.55 -1.52 -7.12
N LEU A 381 -19.28 -2.59 -7.45
CA LEU A 381 -18.92 -3.38 -8.61
C LEU A 381 -19.15 -2.64 -9.93
N PHE A 382 -20.28 -1.93 -10.02
CA PHE A 382 -20.62 -1.15 -11.19
C PHE A 382 -19.52 -0.10 -11.47
N LYS A 383 -19.13 0.63 -10.42
CA LYS A 383 -18.12 1.66 -10.57
C LYS A 383 -16.72 1.08 -10.76
N LEU A 384 -16.36 0.03 -10.03
CA LEU A 384 -15.03 -0.59 -10.16
C LEU A 384 -14.82 -1.03 -11.61
N SER A 385 -15.85 -1.62 -12.22
CA SER A 385 -15.73 -2.15 -13.56
CA SER A 385 -15.75 -2.15 -13.57
C SER A 385 -15.57 -1.07 -14.64
N ARG A 386 -15.80 0.18 -14.25
CA ARG A 386 -15.63 1.35 -15.08
C ARG A 386 -14.45 2.24 -14.68
N GLY A 387 -13.73 1.87 -13.62
CA GLY A 387 -12.61 2.66 -13.14
C GLY A 387 -13.03 3.94 -12.45
N ARG A 388 -14.24 3.98 -11.92
CA ARG A 388 -14.80 5.20 -11.32
C ARG A 388 -15.19 5.08 -9.83
N TYR A 389 -14.68 4.07 -9.14
CA TYR A 389 -14.98 3.85 -7.73
C TYR A 389 -13.92 4.59 -6.90
N GLY A 390 -14.30 5.73 -6.35
CA GLY A 390 -13.41 6.61 -5.59
C GLY A 390 -13.61 6.39 -4.11
N LEU A 391 -12.56 5.88 -3.48
CA LEU A 391 -12.46 5.77 -2.03
C LEU A 391 -11.61 6.89 -1.47
N PRO A 392 -11.94 7.32 -0.25
CA PRO A 392 -11.13 8.38 0.38
C PRO A 392 -9.77 7.88 0.85
N LEU A 393 -8.84 8.81 1.01
CA LEU A 393 -7.56 8.53 1.64
C LEU A 393 -7.73 8.74 3.14
N SER A 394 -7.08 7.91 3.94
CA SER A 394 -7.05 8.11 5.40
C SER A 394 -5.64 8.43 5.85
N SER A 395 -5.41 9.54 6.55
CA SER A 395 -4.07 9.79 7.10
C SER A 395 -3.99 8.94 8.38
N ARG A 396 -3.04 8.02 8.43
CA ARG A 396 -3.03 7.03 9.50
C ARG A 396 -2.32 7.57 10.75
N PRO A 397 -2.59 6.94 11.92
CA PRO A 397 -1.90 7.38 13.14
C PRO A 397 -0.42 6.99 13.09
N VAL A 398 0.34 7.47 14.07
CA VAL A 398 1.77 7.19 14.16
C VAL A 398 2.00 5.69 14.12
N VAL A 399 1.15 4.97 14.87
CA VAL A 399 1.11 3.50 14.84
C VAL A 399 -0.30 3.06 15.22
N LYS A 400 -0.69 1.89 14.71
CA LYS A 400 -1.98 1.30 15.02
C LYS A 400 -1.78 -0.02 15.75
N SER A 401 -0.96 -0.92 15.20
CA SER A 401 -0.59 -2.18 15.87
C SER A 401 0.88 -2.46 15.67
N MET A 402 1.44 -3.33 16.50
CA MET A 402 2.81 -3.77 16.36
C MET A 402 2.85 -5.24 16.71
N MET A 403 3.43 -6.03 15.81
CA MET A 403 3.54 -7.46 16.00
C MET A 403 5.00 -7.91 16.00
N SER A 404 5.28 -8.91 16.82
CA SER A 404 6.57 -9.62 16.84
C SER A 404 6.25 -11.12 16.72
N ASN A 405 6.80 -11.76 15.68
CA ASN A 405 6.40 -13.12 15.28
C ASN A 405 7.58 -14.03 15.04
N LYS A 406 7.46 -15.28 15.52
CA LYS A 406 8.41 -16.34 15.20
C LYS A 406 7.67 -17.62 14.84
N ASN A 407 7.71 -17.97 13.54
CA ASN A 407 7.30 -19.31 13.09
C ASN A 407 8.43 -20.26 13.48
N LEU A 408 8.07 -21.42 14.00
CA LEU A 408 9.01 -22.27 14.73
C LEU A 408 9.21 -23.60 14.03
N ARG A 409 10.47 -24.02 13.96
CA ARG A 409 10.87 -25.25 13.32
C ARG A 409 11.32 -26.26 14.38
N GLY A 410 11.05 -27.53 14.11
CA GLY A 410 11.49 -28.61 14.98
C GLY A 410 11.02 -28.39 16.40
N LYS A 411 11.94 -28.51 17.35
CA LYS A 411 11.61 -28.45 18.77
C LYS A 411 12.11 -27.17 19.43
N SER A 412 12.25 -26.08 18.68
CA SER A 412 12.81 -24.83 19.23
C SER A 412 11.84 -24.07 20.17
N CYS A 413 10.58 -24.52 20.20
CA CYS A 413 9.63 -24.11 21.24
C CYS A 413 8.87 -25.34 21.75
N ASN A 414 9.50 -26.04 22.69
CA ASN A 414 9.03 -27.34 23.10
C ASN A 414 8.52 -27.37 24.53
N SER A 415 8.40 -26.20 25.16
CA SER A 415 7.90 -26.12 26.54
C SER A 415 7.56 -24.68 26.84
N ILE A 416 6.92 -24.45 27.98
CA ILE A 416 6.62 -23.10 28.46
C ILE A 416 7.89 -22.28 28.67
N VAL A 417 8.99 -22.95 28.99
CA VAL A 417 10.26 -22.27 29.21
C VAL A 417 10.68 -21.64 27.89
N ASP A 418 10.54 -22.39 26.81
CA ASP A 418 10.91 -21.87 25.48
C ASP A 418 9.97 -20.75 25.05
N CYS A 419 8.69 -20.89 25.34
CA CYS A 419 7.72 -19.83 25.02
C CYS A 419 8.12 -18.51 25.64
N ILE A 420 8.48 -18.56 26.91
CA ILE A 420 8.82 -17.35 27.62
C ILE A 420 10.15 -16.75 27.12
N SER A 421 11.10 -17.59 26.76
CA SER A 421 12.36 -17.12 26.18
CA SER A 421 12.36 -17.13 26.19
C SER A 421 12.10 -16.33 24.90
N TRP A 422 11.20 -16.83 24.06
CA TRP A 422 10.81 -16.08 22.86
C TRP A 422 10.04 -14.81 23.23
N LEU A 423 9.13 -14.87 24.21
CA LEU A 423 8.41 -13.64 24.64
C LEU A 423 9.39 -12.56 25.10
N GLU A 424 10.47 -12.95 25.76
CA GLU A 424 11.48 -11.96 26.17
C GLU A 424 12.08 -11.19 25.00
N VAL A 425 12.32 -11.89 23.89
CA VAL A 425 12.79 -11.21 22.66
C VAL A 425 11.71 -10.29 22.12
N PHE A 426 10.47 -10.79 22.03
CA PHE A 426 9.35 -10.00 21.51
C PHE A 426 9.18 -8.71 22.30
N CYS A 427 9.25 -8.82 23.63
CA CYS A 427 9.05 -7.65 24.49
C CYS A 427 10.15 -6.62 24.34
N ALA A 428 11.40 -7.08 24.22
CA ALA A 428 12.54 -6.20 23.93
C ALA A 428 12.34 -5.48 22.61
N GLU A 429 11.94 -6.24 21.60
CA GLU A 429 11.76 -5.70 20.26
C GLU A 429 10.68 -4.61 20.25
N LEU A 430 9.51 -4.94 20.80
CA LEU A 430 8.38 -4.01 20.78
C LEU A 430 8.70 -2.74 21.56
N THR A 431 9.36 -2.90 22.70
CA THR A 431 9.73 -1.75 23.53
C THR A 431 10.69 -0.81 22.83
N SER A 432 11.66 -1.39 22.09
CA SER A 432 12.60 -0.59 21.32
CA SER A 432 12.60 -0.59 21.31
C SER A 432 11.87 0.16 20.19
N ARG A 433 10.91 -0.51 19.56
CA ARG A 433 10.12 0.13 18.48
C ARG A 433 9.31 1.31 19.01
N ILE A 434 8.68 1.12 20.18
CA ILE A 434 7.90 2.16 20.82
C ILE A 434 8.78 3.34 21.18
N GLN A 435 9.94 3.07 21.77
CA GLN A 435 10.90 4.12 22.12
C GLN A 435 11.34 4.94 20.90
N ASP A 436 11.66 4.25 19.81
CA ASP A 436 12.03 4.91 18.56
C ASP A 436 10.91 5.83 18.04
N LEU A 437 9.66 5.36 18.07
CA LEU A 437 8.52 6.20 17.63
C LEU A 437 8.32 7.45 18.52
N GLU A 438 8.42 7.26 19.84
CA GLU A 438 8.32 8.38 20.77
C GLU A 438 9.33 9.47 20.46
N GLN A 439 10.56 9.07 20.17
CA GLN A 439 11.63 10.03 19.85
C GLN A 439 11.45 10.67 18.49
N GLU A 440 11.07 9.87 17.50
CA GLU A 440 10.97 10.35 16.14
C GLU A 440 9.82 11.34 15.97
N TYR A 441 8.74 11.11 16.71
CA TYR A 441 7.51 11.88 16.51
C TYR A 441 7.11 12.78 17.69
N ASN A 442 7.89 12.75 18.78
CA ASN A 442 7.60 13.58 19.98
C ASN A 442 6.21 13.26 20.56
N LYS A 443 5.99 11.98 20.86
CA LYS A 443 4.74 11.48 21.42
C LYS A 443 5.02 10.56 22.61
N ILE A 444 3.98 10.32 23.40
CA ILE A 444 3.95 9.21 24.33
C ILE A 444 3.11 8.16 23.64
N VAL A 445 3.66 6.95 23.55
CA VAL A 445 3.03 5.87 22.81
C VAL A 445 2.78 4.74 23.82
N ILE A 446 1.51 4.49 24.11
CA ILE A 446 1.10 3.69 25.26
C ILE A 446 0.32 2.47 24.79
N PRO A 447 0.92 1.27 24.88
CA PRO A 447 0.19 0.04 24.61
C PRO A 447 -0.96 -0.16 25.61
N ARG A 448 -2.14 -0.51 25.10
CA ARG A 448 -3.33 -0.71 25.91
C ARG A 448 -3.81 -2.16 25.91
N THR A 449 -3.67 -2.83 24.76
CA THR A 449 -4.16 -4.21 24.60
C THR A 449 -3.07 -5.05 23.92
N VAL A 450 -2.87 -6.26 24.43
CA VAL A 450 -1.91 -7.19 23.84
C VAL A 450 -2.61 -8.48 23.48
N SER A 451 -2.17 -9.11 22.41
CA SER A 451 -2.69 -10.41 22.00
C SER A 451 -1.53 -11.39 21.81
N ILE A 452 -1.65 -12.57 22.39
CA ILE A 452 -0.75 -13.68 22.09
C ILE A 452 -1.49 -14.63 21.16
N SER A 453 -0.82 -15.04 20.09
CA SER A 453 -1.37 -16.01 19.17
C SER A 453 -0.29 -17.07 18.90
N LEU A 454 -0.70 -18.33 18.91
CA LEU A 454 0.26 -19.42 18.74
C LEU A 454 -0.41 -20.54 17.98
N LYS A 455 0.42 -21.40 17.40
CA LYS A 455 -0.04 -22.54 16.64
C LYS A 455 0.70 -23.76 17.18
N THR A 456 -0.04 -24.85 17.35
CA THR A 456 0.49 -26.07 17.93
C THR A 456 1.18 -26.93 16.86
N LYS A 457 1.77 -28.04 17.30
CA LYS A 457 2.37 -29.03 16.40
C LYS A 457 1.36 -29.52 15.34
N SER A 458 0.08 -29.51 15.68
CA SER A 458 -1.00 -29.90 14.75
C SER A 458 -1.64 -28.70 14.04
N TYR A 459 -1.01 -27.53 14.15
CA TYR A 459 -1.43 -26.30 13.46
C TYR A 459 -2.75 -25.69 13.98
N GLU A 460 -3.19 -26.11 15.16
CA GLU A 460 -4.34 -25.51 15.84
C GLU A 460 -3.94 -24.15 16.43
N VAL A 461 -4.77 -23.13 16.24
CA VAL A 461 -4.51 -21.79 16.76
C VAL A 461 -5.10 -21.62 18.14
N TYR A 462 -4.28 -21.09 19.05
CA TYR A 462 -4.71 -20.68 20.39
C TYR A 462 -4.40 -19.21 20.49
N ARG A 463 -5.35 -18.43 20.98
CA ARG A 463 -5.13 -17.01 21.17
C ARG A 463 -5.71 -16.50 22.48
N LYS A 464 -5.09 -15.44 22.99
CA LYS A 464 -5.63 -14.71 24.10
C LYS A 464 -5.24 -13.25 24.01
N SER A 465 -6.19 -12.36 24.29
CA SER A 465 -5.93 -10.93 24.29
C SER A 465 -6.52 -10.29 25.54
N GLY A 466 -5.95 -9.16 25.91
CA GLY A 466 -6.42 -8.40 27.05
C GLY A 466 -5.57 -7.18 27.35
N PRO A 467 -5.96 -6.45 28.40
CA PRO A 467 -5.27 -5.20 28.71
C PRO A 467 -3.84 -5.39 29.20
N VAL A 468 -3.02 -4.40 28.92
CA VAL A 468 -1.68 -4.28 29.51
C VAL A 468 -1.64 -2.97 30.31
N ALA A 469 -1.02 -3.02 31.47
CA ALA A 469 -0.87 -1.86 32.33
C ALA A 469 0.25 -0.96 31.78
N TYR A 470 0.19 0.32 32.11
CA TYR A 470 1.22 1.27 31.70
C TYR A 470 1.91 1.92 32.89
N LYS A 471 3.24 1.91 32.87
CA LYS A 471 4.05 2.52 33.95
C LYS A 471 5.24 3.32 33.41
N GLY A 472 5.18 3.74 32.16
CA GLY A 472 6.27 4.49 31.52
C GLY A 472 7.19 3.61 30.69
N ILE A 473 7.96 4.25 29.83
CA ILE A 473 8.82 3.53 28.88
C ILE A 473 9.87 2.63 29.57
N ASN A 474 10.35 3.06 30.73
CA ASN A 474 11.37 2.28 31.46
C ASN A 474 10.87 0.96 32.06
N PHE A 475 9.54 0.83 32.16
CA PHE A 475 8.91 -0.39 32.68
C PHE A 475 8.06 -1.09 31.61
N GLN A 476 8.14 -0.64 30.37
CA GLN A 476 7.25 -1.12 29.33
C GLN A 476 7.50 -2.58 28.98
N SER A 477 8.76 -2.98 28.90
CA SER A 477 9.08 -4.33 28.50
C SER A 477 8.55 -5.29 29.56
N HIS A 478 8.78 -4.90 30.82
CA HIS A 478 8.30 -5.69 31.97
C HIS A 478 6.76 -5.85 31.96
N GLU A 479 6.03 -4.76 31.71
CA GLU A 479 4.57 -4.80 31.67
C GLU A 479 4.03 -5.67 30.54
N LEU A 480 4.66 -5.62 29.37
CA LEU A 480 4.32 -6.51 28.25
C LEU A 480 4.58 -7.99 28.61
N LEU A 481 5.73 -8.27 29.21
CA LEU A 481 6.11 -9.62 29.53
C LEU A 481 5.20 -10.23 30.60
N LYS A 482 4.80 -9.45 31.59
CA LYS A 482 3.86 -9.89 32.62
C LYS A 482 2.61 -10.50 31.98
N VAL A 483 2.05 -9.78 31.00
CA VAL A 483 0.80 -10.22 30.36
C VAL A 483 1.08 -11.41 29.45
N GLY A 484 2.16 -11.34 28.70
CA GLY A 484 2.57 -12.45 27.83
C GLY A 484 2.70 -13.76 28.59
N ILE A 485 3.40 -13.72 29.73
CA ILE A 485 3.58 -14.92 30.55
C ILE A 485 2.23 -15.46 31.02
N LYS A 486 1.38 -14.56 31.50
CA LYS A 486 0.04 -14.93 31.95
C LYS A 486 -0.71 -15.64 30.83
N PHE A 487 -0.68 -15.07 29.63
CA PHE A 487 -1.42 -15.64 28.51
C PHE A 487 -0.87 -16.97 28.02
N VAL A 488 0.46 -17.11 27.89
CA VAL A 488 1.00 -18.38 27.38
C VAL A 488 0.82 -19.50 28.41
N THR A 489 0.84 -19.18 29.70
CA THR A 489 0.56 -20.19 30.71
C THR A 489 -0.95 -20.56 30.70
N ASP A 490 -1.82 -19.56 30.51
CA ASP A 490 -3.26 -19.81 30.37
CA ASP A 490 -3.27 -19.77 30.35
C ASP A 490 -3.54 -20.74 29.20
N LEU A 491 -2.91 -20.48 28.05
CA LEU A 491 -3.10 -21.30 26.84
C LEU A 491 -2.52 -22.72 26.99
N ASP A 492 -1.40 -22.85 27.70
CA ASP A 492 -0.81 -24.16 27.98
C ASP A 492 -1.82 -25.05 28.72
N ILE A 493 -2.53 -24.46 29.68
CA ILE A 493 -3.58 -25.18 30.42
C ILE A 493 -4.72 -25.58 29.47
N LYS A 494 -5.13 -24.66 28.59
CA LYS A 494 -6.18 -24.97 27.62
C LYS A 494 -5.79 -26.09 26.64
N GLY A 495 -4.49 -26.20 26.36
CA GLY A 495 -3.97 -27.25 25.50
C GLY A 495 -3.72 -28.59 26.18
N LYS A 496 -4.08 -28.72 27.46
CA LYS A 496 -3.82 -29.94 28.23
C LYS A 496 -4.49 -31.16 27.58
N ASN A 497 -3.70 -32.21 27.37
CA ASN A 497 -4.19 -33.48 26.79
C ASN A 497 -4.52 -33.40 25.31
N LYS A 498 -3.98 -32.38 24.64
CA LYS A 498 -4.14 -32.21 23.22
C LYS A 498 -2.79 -32.04 22.60
N SER A 499 -2.73 -32.18 21.28
CA SER A 499 -1.54 -31.90 20.52
C SER A 499 -1.17 -30.43 20.73
N TYR A 500 -0.01 -30.19 21.35
CA TYR A 500 0.39 -28.83 21.70
C TYR A 500 1.86 -28.59 21.31
N TYR A 501 2.79 -28.94 22.19
CA TYR A 501 4.22 -28.78 21.89
C TYR A 501 4.70 -29.89 20.97
N PRO A 502 5.72 -29.62 20.12
CA PRO A 502 6.39 -28.33 19.96
C PRO A 502 5.55 -27.38 19.09
N LEU A 503 5.57 -26.09 19.43
CA LEU A 503 4.75 -25.11 18.68
C LEU A 503 5.31 -24.87 17.29
N THR A 504 4.44 -24.45 16.38
CA THR A 504 4.86 -24.06 15.05
C THR A 504 4.81 -22.54 14.81
N LYS A 505 4.25 -21.78 15.77
CA LYS A 505 4.20 -20.32 15.66
C LYS A 505 3.93 -19.75 17.04
N LEU A 506 4.60 -18.64 17.35
CA LEU A 506 4.29 -17.83 18.53
C LEU A 506 4.43 -16.37 18.14
N SER A 507 3.44 -15.55 18.53
CA SER A 507 3.50 -14.13 18.26
C SER A 507 2.89 -13.32 19.37
N MET A 508 3.40 -12.11 19.54
CA MET A 508 2.81 -11.11 20.42
C MET A 508 2.49 -9.85 19.61
N THR A 509 1.25 -9.37 19.73
CA THR A 509 0.83 -8.16 19.03
C THR A 509 0.23 -7.17 20.00
N ILE A 510 0.72 -5.93 19.96
CA ILE A 510 0.05 -4.83 20.64
C ILE A 510 -0.99 -4.32 19.65
N THR A 511 -2.26 -4.55 19.98
CA THR A 511 -3.35 -4.32 19.02
C THR A 511 -4.00 -2.96 19.16
N ASN A 512 -3.80 -2.29 20.30
N ASN A 512 -3.80 -2.31 20.30
CA ASN A 512 -4.36 -0.97 20.50
CA ASN A 512 -4.38 -0.99 20.57
C ASN A 512 -3.40 -0.14 21.33
C ASN A 512 -3.38 -0.14 21.33
N PHE A 513 -3.20 1.11 20.89
CA PHE A 513 -2.29 2.08 21.53
C PHE A 513 -3.06 3.37 21.84
N ASP A 514 -2.68 4.05 22.92
CA ASP A 514 -3.00 5.48 23.09
C ASP A 514 -1.78 6.28 22.66
N ILE A 515 -2.01 7.36 21.91
CA ILE A 515 -0.95 8.25 21.44
C ILE A 515 -1.17 9.67 22.00
N ILE A 516 -0.25 10.13 22.84
CA ILE A 516 -0.34 11.44 23.45
C ILE A 516 0.57 12.42 22.71
N ASP A 517 -0.01 13.51 22.21
CA ASP A 517 0.76 14.55 21.56
C ASP A 517 1.51 15.36 22.62
N LEU A 518 2.74 15.75 22.29
CA LEU A 518 3.52 16.62 23.15
C LEU A 518 3.76 17.94 22.42
N1 DOC B 11 1.68 -9.05 1.35
C2 DOC B 11 2.37 -9.41 2.50
N3 DOC B 11 1.99 -10.52 3.16
C4 DOC B 11 0.97 -11.26 2.72
C5 DOC B 11 0.25 -10.91 1.54
C6 DOC B 11 0.64 -9.81 0.89
O2 DOC B 11 3.31 -8.69 2.86
N4 DOC B 11 0.63 -12.36 3.41
C1' DOC B 11 2.12 -7.83 0.63
C2' DOC B 11 2.58 -8.05 -0.82
C3' DOC B 11 2.38 -6.66 -1.40
C4' DOC B 11 1.33 -6.00 -0.51
O4' DOC B 11 1.05 -6.94 0.56
C5' DOC B 11 0.02 -5.67 -1.19
O5' DOC B 11 -0.42 -6.81 -1.94
P DOC B 11 -1.81 -6.79 -2.71
OP1 DOC B 11 -1.78 -5.77 -3.75
OP2 DOC B 11 -2.08 -8.21 -3.02
P TTD C 4 3.24 -23.65 3.77
OP1 TTD C 4 2.06 -22.70 3.80
OP2 TTD C 4 3.63 -24.38 2.50
O5' TTD C 4 4.54 -22.85 4.28
C5' TTD C 4 5.84 -23.43 4.19
C4R TTD C 4 6.89 -22.45 4.69
O4' TTD C 4 7.02 -21.33 3.80
C3R TTD C 4 6.53 -21.88 6.06
O3R TTD C 4 7.71 -21.82 6.84
C2' TTD C 4 6.02 -20.48 5.74
C1' TTD C 4 6.97 -20.13 4.62
N1 TTD C 4 6.59 -18.87 3.94
C2 TTD C 4 7.44 -18.38 3.05
O2 TTD C 4 8.63 -18.67 3.09
N3 TTD C 4 7.03 -17.50 2.14
C4 TTD C 4 5.81 -16.95 2.12
O4 TTD C 4 5.52 -16.12 1.26
C5 TTD C 4 4.76 -17.35 3.15
C5A TTD C 4 3.62 -18.05 2.40
C6 TTD C 4 5.36 -18.12 4.31
PB TTD C 4 7.72 -21.36 8.40
O5P TTD C 4 9.03 -21.93 8.91
O4P TTD C 4 6.41 -21.63 9.04
O5R TTD C 4 7.87 -19.75 8.25
C5R TTD C 4 9.08 -19.23 7.72
O4R TTD C 4 7.97 -17.60 6.30
C2R TTD C 4 7.36 -15.93 7.81
C1R TTD C 4 7.66 -16.20 6.33
N1T TTD C 4 6.66 -16.01 5.25
C2T TTD C 4 6.69 -14.67 4.71
O2T TTD C 4 7.72 -14.01 4.82
N3T TTD C 4 5.66 -14.17 4.03
C4T TTD C 4 4.53 -14.82 3.76
O4T TTD C 4 3.61 -14.27 3.15
C5T TTD C 4 4.36 -16.26 4.20
C5M TTD C 4 2.95 -16.46 4.75
C6T TTD C 4 5.40 -16.81 5.19
C4' TTD C 4 8.88 -17.77 7.37
C3' TTD C 4 8.30 -16.93 8.51
O3' TTD C 4 9.44 -16.33 9.16
PG DTP D . 8.17 -4.12 -6.49
O1G DTP D . 7.42 -3.13 -5.60
O2G DTP D . 7.40 -5.11 -7.34
O3G DTP D . 9.28 -3.47 -7.22
PB DTP D . 8.93 -5.02 -3.85
O1B DTP D . 8.94 -3.61 -3.32
O2B DTP D . 10.01 -5.97 -3.36
O3B DTP D . 8.93 -5.10 -5.45
PA DTP D . 6.23 -5.16 -2.72
O1A DTP D . 6.10 -3.71 -3.06
O2A DTP D . 5.14 -6.15 -3.07
O3A DTP D . 7.55 -5.75 -3.48
O5' DTP D . 6.58 -5.32 -1.18
C5' DTP D . 7.40 -4.43 -0.44
C4' DTP D . 8.33 -5.22 0.47
O4' DTP D . 7.58 -6.03 1.38
C3' DTP D . 9.25 -6.14 -0.31
O3' DTP D . 10.47 -5.52 -0.68
C2' DTP D . 9.49 -7.28 0.68
C1' DTP D . 8.24 -7.30 1.54
N9 DTP D . 7.29 -8.35 1.10
C8 DTP D . 6.52 -8.36 -0.01
N7 DTP D . 5.76 -9.48 -0.02
C5 DTP D . 6.08 -10.16 1.12
C6 DTP D . 5.65 -11.34 1.68
N6 DTP D . 4.71 -12.09 1.04
N1 DTP D . 6.21 -11.76 2.87
C2 DTP D . 7.14 -11.03 3.49
N3 DTP D . 7.55 -9.87 2.99
C4 DTP D . 7.03 -9.43 1.81
MG MG E . 7.43 -2.27 -3.82
MG MG F . 3.23 -3.50 -1.69
S SO4 G . -7.81 29.36 -27.34
O1 SO4 G . -6.79 28.80 -26.46
O2 SO4 G . -8.86 28.40 -27.72
O3 SO4 G . -8.43 30.57 -26.73
O4 SO4 G . -7.10 29.73 -28.59
S SO4 H . -4.92 -13.88 14.96
O1 SO4 H . -3.65 -13.32 14.55
O2 SO4 H . -5.46 -14.73 13.91
O3 SO4 H . -4.71 -14.68 16.17
O4 SO4 H . -5.85 -12.80 15.25
#